data_8GID
#
_entry.id   8GID
#
_cell.length_a   131.620
_cell.length_b   38.340
_cell.length_c   71.970
_cell.angle_alpha   90.000
_cell.angle_beta   95.140
_cell.angle_gamma   90.000
#
_symmetry.space_group_name_H-M   'C 1 2 1'
#
loop_
_entity.id
_entity.type
_entity.pdbx_description
1 polymer 'Apical membrane antigen 1, rhoptry neck protein 2 chimera'
2 water water
#
_entity_poly.entity_id   1
_entity_poly.type   'polypeptide(L)'
_entity_poly.pdbx_seq_one_letter_code
;ETGKADRYKSHGKGYNWGNYNTETQKCEIFNVKPTCLINNAAYIATTALSHPIEVEGGGGSGGGGSGGGGSGGGGSNYMG
NPWTEYMAKYDIEEVHGSGIRVDLGEDAEVAGTQYRLPSGKCPVFGKGIIIENSNTAFLTPVATGNQYLKDGGFAFPPTE
PLMSPMTLDEMRHFYKDNKYVKNLDELTLCSRHAGNMIPDNDKNSNYKYPAVYDDKDKKCHILYIAAQENNGPRYCNKDE
SKRNSMFCFRPAKDISFQNYAYLSKNVVDNWEKVCPRKNLQNAKFGLWVDGNCEDIPHVNEFPAIDLFECNKLVFELSAS
DQPKQYEQHLTTQQAKDIGAGPVASCFTTRMSPPQQICLNSVVNTALSGTKHHHHHH
;
_entity_poly.pdbx_strand_id   A
#
# COMPACT_ATOMS: atom_id res chain seq x y z
N ASP A 6 14.49 0.23 -13.96
CA ASP A 6 13.04 0.12 -13.97
C ASP A 6 12.59 -1.32 -14.22
N ARG A 7 13.51 -2.25 -14.01
CA ARG A 7 13.23 -3.65 -14.32
C ARG A 7 12.17 -4.25 -13.40
N TYR A 8 12.06 -3.75 -12.17
CA TYR A 8 11.19 -4.35 -11.17
C TYR A 8 9.76 -3.82 -11.22
N LYS A 9 9.53 -2.70 -11.87
CA LYS A 9 8.22 -2.04 -11.78
C LYS A 9 7.15 -2.75 -12.61
N SER A 10 6.02 -3.06 -11.97
CA SER A 10 4.88 -3.66 -12.62
C SER A 10 4.05 -2.65 -13.40
N HIS A 11 4.06 -1.39 -12.97
CA HIS A 11 3.19 -0.35 -13.50
C HIS A 11 1.72 -0.74 -13.40
N GLY A 12 1.39 -1.62 -12.47
CA GLY A 12 0.02 -2.04 -12.25
C GLY A 12 -0.41 -3.29 -12.99
N LYS A 13 0.46 -3.89 -13.79
CA LYS A 13 0.14 -5.11 -14.50
C LYS A 13 0.19 -6.31 -13.55
N GLY A 14 -0.87 -7.12 -13.55
CA GLY A 14 -0.86 -8.35 -12.77
C GLY A 14 -2.26 -8.95 -12.66
N TYR A 15 -2.36 -9.94 -11.78
CA TYR A 15 -3.63 -10.65 -11.50
C TYR A 15 -4.41 -9.84 -10.49
N ASN A 16 -5.06 -8.79 -10.98
CA ASN A 16 -5.64 -7.77 -10.10
C ASN A 16 -7.13 -7.92 -9.88
N TRP A 17 -7.78 -8.85 -10.58
CA TRP A 17 -9.23 -8.91 -10.62
C TRP A 17 -9.70 -10.32 -10.33
N GLY A 18 -10.88 -10.42 -9.74
CA GLY A 18 -11.47 -11.72 -9.53
C GLY A 18 -12.98 -11.69 -9.58
N ASN A 19 -13.55 -12.77 -10.08
CA ASN A 19 -14.98 -13.05 -10.03
C ASN A 19 -15.17 -14.14 -8.97
N TYR A 20 -15.86 -13.81 -7.88
CA TYR A 20 -16.10 -14.77 -6.81
C TYR A 20 -17.49 -15.37 -7.00
N ASN A 21 -17.54 -16.68 -7.22
CA ASN A 21 -18.80 -17.41 -7.29
C ASN A 21 -19.16 -17.84 -5.87
N THR A 22 -20.21 -17.25 -5.32
CA THR A 22 -20.55 -17.53 -3.93
C THR A 22 -21.15 -18.93 -3.76
N GLU A 23 -21.67 -19.51 -4.84
CA GLU A 23 -22.33 -20.81 -4.75
C GLU A 23 -21.34 -21.96 -4.87
N THR A 24 -20.37 -21.85 -5.76
CA THR A 24 -19.34 -22.87 -5.90
C THR A 24 -18.10 -22.54 -5.08
N GLN A 25 -18.08 -21.39 -4.41
CA GLN A 25 -16.95 -21.01 -3.57
C GLN A 25 -15.65 -21.06 -4.35
N LYS A 26 -15.69 -20.47 -5.55
CA LYS A 26 -14.55 -20.40 -6.44
C LYS A 26 -14.20 -18.94 -6.69
N CYS A 27 -12.91 -18.62 -6.57
CA CYS A 27 -12.38 -17.29 -6.85
C CYS A 27 -11.72 -17.37 -8.22
N GLU A 28 -12.33 -16.74 -9.23
CA GLU A 28 -11.89 -16.85 -10.62
C GLU A 28 -11.02 -15.62 -10.93
N ILE A 29 -9.71 -15.82 -10.98
CA ILE A 29 -8.74 -14.72 -10.98
C ILE A 29 -8.15 -14.57 -12.37
N PHE A 30 -7.99 -13.31 -12.81
CA PHE A 30 -7.48 -13.05 -14.16
C PHE A 30 -6.68 -11.77 -14.18
N ASN A 31 -5.95 -11.56 -15.28
CA ASN A 31 -4.93 -10.51 -15.32
C ASN A 31 -5.07 -9.58 -16.53
N VAL A 32 -6.28 -9.38 -17.03
CA VAL A 32 -6.52 -8.37 -18.06
C VAL A 32 -7.62 -7.45 -17.54
N LYS A 33 -7.61 -6.22 -17.99
CA LYS A 33 -8.61 -5.27 -17.50
C LYS A 33 -10.00 -5.69 -18.00
N PRO A 34 -11.00 -5.71 -17.12
CA PRO A 34 -12.36 -6.00 -17.59
C PRO A 34 -12.98 -4.73 -18.18
N THR A 35 -13.89 -4.94 -19.13
CA THR A 35 -14.48 -3.82 -19.85
C THR A 35 -16.00 -3.83 -19.82
N CYS A 36 -16.63 -4.71 -19.04
CA CYS A 36 -18.07 -4.64 -18.81
C CYS A 36 -18.42 -5.52 -17.64
N LEU A 37 -19.68 -5.46 -17.24
CA LEU A 37 -20.21 -6.28 -16.17
C LEU A 37 -21.35 -7.15 -16.69
N ILE A 38 -21.47 -8.34 -16.11
CA ILE A 38 -22.52 -9.30 -16.43
C ILE A 38 -23.38 -9.48 -15.19
N ASN A 39 -24.69 -9.35 -15.35
CA ASN A 39 -25.60 -9.60 -14.24
C ASN A 39 -25.69 -11.10 -13.96
N ASN A 40 -25.30 -11.51 -12.75
CA ASN A 40 -25.37 -12.92 -12.38
C ASN A 40 -25.44 -13.02 -10.86
N ALA A 41 -26.55 -13.60 -10.35
CA ALA A 41 -26.81 -13.54 -8.92
C ALA A 41 -25.83 -14.38 -8.10
N ALA A 42 -25.08 -15.27 -8.74
CA ALA A 42 -24.12 -16.06 -7.99
C ALA A 42 -22.79 -15.34 -7.74
N TYR A 43 -22.57 -14.17 -8.33
CA TYR A 43 -21.23 -13.62 -8.38
C TYR A 43 -21.10 -12.30 -7.62
N ILE A 44 -19.87 -12.04 -7.20
CA ILE A 44 -19.41 -10.77 -6.68
C ILE A 44 -18.08 -10.44 -7.37
N ALA A 45 -17.98 -9.25 -7.92
CA ALA A 45 -16.79 -8.80 -8.64
C ALA A 45 -15.89 -7.99 -7.71
N THR A 46 -14.61 -8.35 -7.64
CA THR A 46 -13.67 -7.77 -6.68
C THR A 46 -12.32 -7.48 -7.34
N THR A 47 -11.56 -6.56 -6.74
CA THR A 47 -10.20 -6.26 -7.19
C THR A 47 -9.24 -6.28 -6.00
N ALA A 48 -7.95 -6.38 -6.31
CA ALA A 48 -6.93 -6.42 -5.27
C ALA A 48 -6.90 -5.15 -4.44
N LEU A 49 -7.34 -4.03 -4.99
CA LEU A 49 -7.40 -2.76 -4.25
C LEU A 49 -8.60 -2.67 -3.34
N SER A 50 -9.64 -3.43 -3.65
CA SER A 50 -10.95 -3.27 -3.05
C SER A 50 -10.93 -3.64 -1.56
N HIS A 51 -11.85 -3.03 -0.82
CA HIS A 51 -12.12 -3.48 0.53
C HIS A 51 -12.48 -4.96 0.50
N PRO A 52 -11.98 -5.77 1.43
CA PRO A 52 -12.16 -7.23 1.33
C PRO A 52 -13.53 -7.72 1.77
N ILE A 53 -14.40 -6.84 2.27
CA ILE A 53 -15.69 -7.29 2.80
C ILE A 53 -16.86 -6.49 2.23
N GLU A 54 -16.70 -5.18 2.09
CA GLU A 54 -17.85 -4.34 1.74
C GLU A 54 -18.36 -4.61 0.33
N VAL A 55 -19.69 -4.61 0.17
CA VAL A 55 -20.33 -4.80 -1.12
C VAL A 55 -21.38 -3.71 -1.35
N GLU A 56 -21.62 -3.43 -2.63
CA GLU A 56 -22.71 -2.54 -3.05
C GLU A 56 -23.63 -3.30 -4.02
N GLY A 80 -18.04 2.84 -28.75
CA GLY A 80 -19.25 2.05 -28.89
C GLY A 80 -19.49 1.11 -27.72
N ASN A 81 -18.82 1.37 -26.60
CA ASN A 81 -19.03 0.59 -25.38
C ASN A 81 -19.77 1.45 -24.38
N PRO A 82 -21.00 1.08 -23.98
CA PRO A 82 -21.71 1.89 -22.96
C PRO A 82 -21.11 1.77 -21.58
N TRP A 83 -20.19 0.83 -21.36
CA TRP A 83 -19.58 0.63 -20.04
C TRP A 83 -18.31 1.45 -19.82
N THR A 84 -17.84 2.18 -20.82
CA THR A 84 -16.52 2.81 -20.73
C THR A 84 -16.39 3.62 -19.46
N GLU A 85 -17.32 4.57 -19.25
CA GLU A 85 -17.23 5.44 -18.09
C GLU A 85 -17.28 4.65 -16.79
N TYR A 86 -18.21 3.72 -16.69
CA TYR A 86 -18.36 2.99 -15.43
C TYR A 86 -17.15 2.12 -15.12
N MET A 87 -16.57 1.49 -16.14
CA MET A 87 -15.46 0.56 -15.93
C MET A 87 -14.10 1.25 -15.80
N ALA A 88 -14.03 2.56 -15.94
CA ALA A 88 -12.73 3.24 -15.85
C ALA A 88 -12.04 2.93 -14.53
N LYS A 89 -12.78 2.81 -13.44
CA LYS A 89 -12.12 2.61 -12.16
C LYS A 89 -11.51 1.22 -12.02
N TYR A 90 -11.85 0.26 -12.89
CA TYR A 90 -11.25 -1.06 -12.86
C TYR A 90 -10.05 -1.20 -13.79
N ASP A 91 -9.65 -0.13 -14.49
CA ASP A 91 -8.45 -0.13 -15.32
C ASP A 91 -7.24 0.23 -14.43
N ILE A 92 -6.77 -0.78 -13.70
CA ILE A 92 -5.80 -0.57 -12.64
C ILE A 92 -4.53 0.08 -13.17
N GLU A 93 -4.09 -0.31 -14.37
CA GLU A 93 -2.86 0.26 -14.91
C GLU A 93 -2.98 1.76 -15.10
N GLU A 94 -4.18 2.23 -15.44
CA GLU A 94 -4.41 3.64 -15.68
C GLU A 94 -4.70 4.39 -14.39
N VAL A 95 -5.58 3.86 -13.54
CA VAL A 95 -6.04 4.65 -12.40
C VAL A 95 -5.13 4.52 -11.19
N HIS A 96 -4.42 3.41 -11.03
CA HIS A 96 -3.51 3.20 -9.92
C HIS A 96 -2.06 3.35 -10.36
N GLY A 97 -1.64 2.61 -11.36
CA GLY A 97 -0.40 2.87 -12.04
C GLY A 97 0.83 2.25 -11.42
N SER A 98 0.67 1.37 -10.45
CA SER A 98 1.80 0.79 -9.76
C SER A 98 1.41 -0.55 -9.17
N GLY A 99 2.37 -1.20 -8.53
CA GLY A 99 2.08 -2.41 -7.78
C GLY A 99 1.02 -2.19 -6.70
N ILE A 100 0.46 -3.32 -6.27
CA ILE A 100 -0.57 -3.38 -5.25
C ILE A 100 -0.03 -4.18 -4.06
N ARG A 101 0.27 -5.45 -4.28
CA ARG A 101 0.85 -6.27 -3.21
C ARG A 101 2.13 -5.62 -2.68
N VAL A 102 3.05 -5.29 -3.57
CA VAL A 102 4.21 -4.44 -3.25
C VAL A 102 4.20 -3.26 -4.21
N ASP A 103 4.15 -2.05 -3.66
CA ASP A 103 4.11 -0.81 -4.43
C ASP A 103 5.43 -0.09 -4.20
N LEU A 104 6.29 -0.15 -5.21
CA LEU A 104 7.57 0.58 -5.22
C LEU A 104 7.76 1.15 -6.63
N GLY A 105 6.80 1.97 -7.05
CA GLY A 105 6.68 2.35 -8.45
C GLY A 105 7.42 3.60 -8.88
N GLU A 106 8.02 4.32 -7.94
CA GLU A 106 8.83 5.48 -8.29
C GLU A 106 10.19 5.41 -7.60
N ASP A 107 11.10 6.27 -8.06
CA ASP A 107 12.41 6.45 -7.46
C ASP A 107 12.52 7.90 -7.00
N ALA A 108 13.20 8.10 -5.87
CA ALA A 108 13.39 9.43 -5.31
C ALA A 108 14.86 9.62 -5.02
N GLU A 109 15.46 10.62 -5.64
CA GLU A 109 16.86 10.96 -5.40
C GLU A 109 17.00 11.67 -4.06
N VAL A 110 17.92 11.17 -3.24
CA VAL A 110 18.30 11.84 -2.00
C VAL A 110 19.82 11.79 -1.91
N ALA A 111 20.47 12.96 -1.94
CA ALA A 111 21.91 13.08 -1.76
C ALA A 111 22.69 12.15 -2.69
N GLY A 112 22.25 12.09 -3.95
CA GLY A 112 22.94 11.31 -4.94
C GLY A 112 22.53 9.87 -5.03
N THR A 113 21.76 9.37 -4.07
CA THR A 113 21.29 8.00 -4.03
C THR A 113 19.82 7.95 -4.40
N GLN A 114 19.45 6.94 -5.19
CA GLN A 114 18.10 6.81 -5.73
C GLN A 114 17.38 5.74 -4.92
N TYR A 115 16.33 6.12 -4.20
CA TYR A 115 15.58 5.20 -3.36
C TYR A 115 14.23 4.87 -3.99
N ARG A 116 13.73 3.67 -3.69
CA ARG A 116 12.43 3.25 -4.18
C ARG A 116 11.32 3.69 -3.23
N LEU A 117 10.20 4.14 -3.80
CA LEU A 117 9.06 4.62 -3.01
C LEU A 117 7.72 4.13 -3.54
N PRO A 118 6.74 3.89 -2.65
CA PRO A 118 5.38 3.64 -3.11
C PRO A 118 4.84 4.83 -3.89
N SER A 119 4.09 4.53 -4.96
CA SER A 119 3.60 5.58 -5.86
C SER A 119 2.23 5.34 -6.44
N GLY A 120 1.46 4.38 -5.94
CA GLY A 120 0.16 4.11 -6.51
C GLY A 120 -0.84 5.22 -6.20
N LYS A 121 -1.74 5.46 -7.16
CA LYS A 121 -2.67 6.59 -7.05
C LYS A 121 -3.93 6.24 -6.27
N CYS A 122 -4.21 4.99 -6.04
CA CYS A 122 -5.37 4.56 -5.28
C CYS A 122 -4.97 4.03 -3.91
N PRO A 123 -5.81 4.18 -2.91
CA PRO A 123 -5.56 3.48 -1.64
C PRO A 123 -5.76 1.98 -1.82
N VAL A 124 -5.00 1.21 -1.04
CA VAL A 124 -5.11 -0.25 -1.02
C VAL A 124 -5.82 -0.63 0.28
N PHE A 125 -7.10 -1.03 0.16
CA PHE A 125 -7.91 -1.28 1.35
C PHE A 125 -7.64 -2.66 1.93
N GLY A 126 -7.36 -2.69 3.23
CA GLY A 126 -7.17 -3.92 3.96
C GLY A 126 -5.75 -4.43 3.96
N LYS A 127 -4.81 -3.70 3.37
CA LYS A 127 -3.42 -4.13 3.30
C LYS A 127 -2.65 -3.77 4.57
N GLY A 128 -1.87 -4.72 5.05
CA GLY A 128 -0.91 -4.43 6.08
C GLY A 128 0.33 -5.27 5.85
N ILE A 129 1.24 -5.26 6.81
CA ILE A 129 2.46 -6.05 6.76
C ILE A 129 2.52 -6.94 7.97
N ILE A 130 2.80 -8.23 7.73
CA ILE A 130 3.00 -9.21 8.78
C ILE A 130 4.50 -9.43 8.96
N ILE A 131 4.97 -9.26 10.18
CA ILE A 131 6.35 -9.56 10.54
C ILE A 131 6.42 -11.01 10.97
N GLU A 132 7.28 -11.80 10.32
CA GLU A 132 7.23 -13.24 10.50
C GLU A 132 7.81 -13.66 11.85
N ASN A 133 7.17 -14.66 12.47
CA ASN A 133 7.60 -15.21 13.75
C ASN A 133 7.86 -14.10 14.76
N SER A 134 6.93 -13.14 14.82
CA SER A 134 7.09 -11.97 15.66
C SER A 134 5.78 -11.62 16.34
N ASN A 135 5.89 -11.11 17.56
CA ASN A 135 4.76 -10.53 18.25
C ASN A 135 4.52 -9.07 17.88
N THR A 136 5.41 -8.46 17.11
CA THR A 136 5.40 -7.02 16.91
C THR A 136 4.42 -6.64 15.80
N ALA A 137 3.42 -5.82 16.13
CA ALA A 137 2.51 -5.28 15.12
C ALA A 137 3.25 -4.26 14.27
N PHE A 138 2.96 -4.24 12.96
CA PHE A 138 3.79 -3.40 12.10
C PHE A 138 3.53 -1.92 12.29
N LEU A 139 2.39 -1.51 12.84
CA LEU A 139 2.25 -0.08 13.11
C LEU A 139 2.93 0.34 14.40
N THR A 140 3.62 -0.57 15.10
CA THR A 140 4.44 -0.13 16.21
C THR A 140 5.58 0.72 15.67
N PRO A 141 5.96 1.78 16.38
CA PRO A 141 7.08 2.60 15.90
C PRO A 141 8.36 1.79 15.73
N VAL A 142 9.16 2.19 14.73
CA VAL A 142 10.46 1.58 14.54
C VAL A 142 11.29 1.69 15.81
N ALA A 143 12.21 0.75 15.97
CA ALA A 143 13.03 0.71 17.17
C ALA A 143 13.93 1.95 17.26
N THR A 144 13.98 2.54 18.45
CA THR A 144 14.79 3.72 18.71
C THR A 144 15.48 3.58 20.05
N GLY A 145 16.45 4.45 20.29
CA GLY A 145 17.12 4.46 21.59
C GLY A 145 17.78 3.13 21.86
N ASN A 146 17.44 2.53 23.00
CA ASN A 146 18.03 1.28 23.43
C ASN A 146 17.28 0.06 22.90
N GLN A 147 16.29 0.26 22.04
CA GLN A 147 15.48 -0.86 21.58
C GLN A 147 16.22 -1.68 20.53
N TYR A 148 16.06 -3.00 20.61
CA TYR A 148 16.54 -3.87 19.55
C TYR A 148 15.67 -3.70 18.31
N LEU A 149 16.26 -3.96 17.14
CA LEU A 149 15.53 -3.79 15.88
C LEU A 149 14.20 -4.54 15.89
N LYS A 150 14.21 -5.80 16.32
CA LYS A 150 12.99 -6.61 16.24
C LYS A 150 11.94 -6.23 17.28
N ASP A 151 12.27 -5.35 18.23
CA ASP A 151 11.29 -4.86 19.19
C ASP A 151 10.32 -3.87 18.55
N GLY A 152 10.69 -3.25 17.44
CA GLY A 152 9.91 -2.20 16.83
C GLY A 152 9.33 -2.62 15.49
N GLY A 153 8.43 -1.77 14.99
CA GLY A 153 7.74 -2.02 13.75
C GLY A 153 8.21 -1.13 12.62
N PHE A 154 7.24 -0.59 11.84
CA PHE A 154 7.51 0.17 10.63
C PHE A 154 7.16 1.65 10.74
N ALA A 155 6.49 2.07 11.80
CA ALA A 155 5.88 3.40 11.83
C ALA A 155 6.86 4.45 12.35
N PHE A 156 6.54 5.72 12.11
CA PHE A 156 7.41 6.78 12.55
C PHE A 156 7.54 6.77 14.07
N PRO A 157 8.73 6.94 14.62
CA PRO A 157 8.86 7.11 16.07
C PRO A 157 8.38 8.49 16.50
N PRO A 158 8.22 8.71 17.81
CA PRO A 158 7.71 10.01 18.26
C PRO A 158 8.64 11.15 17.88
N THR A 159 8.02 12.29 17.56
CA THR A 159 8.72 13.52 17.20
C THR A 159 8.19 14.67 18.04
N GLU A 160 8.85 15.81 17.94
CA GLU A 160 8.39 17.04 18.59
C GLU A 160 8.34 18.14 17.54
N PRO A 161 7.16 18.70 17.21
CA PRO A 161 5.81 18.34 17.66
C PRO A 161 5.51 16.92 17.15
N LEU A 162 4.53 16.23 17.74
CA LEU A 162 4.27 14.83 17.41
C LEU A 162 3.54 14.76 16.07
N MET A 163 4.16 14.12 15.09
CA MET A 163 3.57 14.02 13.77
C MET A 163 2.84 12.71 13.52
N SER A 164 3.23 11.64 14.18
CA SER A 164 2.61 10.35 13.95
C SER A 164 2.64 9.54 15.24
N PRO A 165 1.55 8.83 15.57
CA PRO A 165 0.28 8.83 14.85
C PRO A 165 -0.44 10.14 15.11
N MET A 166 -1.33 10.53 14.20
CA MET A 166 -2.18 11.70 14.36
C MET A 166 -3.61 11.36 13.97
N THR A 167 -4.56 11.74 14.82
CA THR A 167 -5.95 11.49 14.49
C THR A 167 -6.44 12.46 13.42
N LEU A 168 -7.57 12.11 12.79
CA LEU A 168 -8.16 12.97 11.78
C LEU A 168 -8.43 14.37 12.33
N ASP A 169 -9.08 14.46 13.48
CA ASP A 169 -9.38 15.78 14.05
C ASP A 169 -8.08 16.55 14.32
N GLU A 170 -7.04 15.85 14.78
CA GLU A 170 -5.76 16.48 15.02
C GLU A 170 -5.14 16.98 13.71
N MET A 171 -5.27 16.20 12.64
CA MET A 171 -4.73 16.62 11.34
C MET A 171 -5.46 17.85 10.81
N ARG A 172 -6.80 17.87 10.91
CA ARG A 172 -7.51 19.04 10.42
C ARG A 172 -7.14 20.28 11.22
N HIS A 173 -6.82 20.13 12.50
CA HIS A 173 -6.43 21.30 13.28
C HIS A 173 -5.01 21.73 12.93
N PHE A 174 -4.10 20.76 12.82
CA PHE A 174 -2.73 21.03 12.41
C PHE A 174 -2.69 21.85 11.11
N TYR A 175 -3.54 21.51 10.15
CA TYR A 175 -3.57 22.13 8.82
C TYR A 175 -4.70 23.15 8.67
N LYS A 176 -5.22 23.68 9.79
CA LYS A 176 -6.41 24.54 9.71
C LYS A 176 -6.15 25.83 8.93
N ASP A 177 -4.90 26.22 8.71
CA ASP A 177 -4.62 27.43 7.96
C ASP A 177 -4.08 27.14 6.56
N ASN A 178 -4.16 25.90 6.10
CA ASN A 178 -3.71 25.48 4.78
C ASN A 178 -4.93 25.16 3.94
N LYS A 179 -5.30 26.09 3.05
CA LYS A 179 -6.54 25.97 2.30
C LYS A 179 -6.60 24.71 1.45
N TYR A 180 -5.46 24.25 0.96
CA TYR A 180 -5.43 23.17 0.01
C TYR A 180 -5.48 21.79 0.66
N VAL A 181 -5.33 21.69 1.99
CA VAL A 181 -5.33 20.35 2.57
C VAL A 181 -6.38 20.19 3.66
N LYS A 182 -6.80 21.29 4.26
CA LYS A 182 -7.58 21.18 5.49
C LYS A 182 -8.89 20.42 5.28
N ASN A 183 -9.45 20.42 4.06
CA ASN A 183 -10.75 19.80 3.80
C ASN A 183 -10.65 18.56 2.92
N LEU A 184 -9.46 18.02 2.75
CA LEU A 184 -9.30 16.81 1.97
C LEU A 184 -9.99 15.63 2.64
N ASP A 185 -10.37 14.65 1.83
CA ASP A 185 -10.82 13.36 2.36
C ASP A 185 -9.76 12.80 3.30
N GLU A 186 -10.20 11.99 4.26
CA GLU A 186 -9.30 11.56 5.33
C GLU A 186 -8.10 10.77 4.79
N LEU A 187 -8.29 9.96 3.73
CA LEU A 187 -7.16 9.21 3.18
C LEU A 187 -6.20 10.13 2.45
N THR A 188 -6.71 11.05 1.65
CA THR A 188 -5.83 11.97 0.95
C THR A 188 -5.08 12.85 1.94
N LEU A 189 -5.76 13.29 3.00
CA LEU A 189 -5.10 14.11 4.01
C LEU A 189 -3.99 13.33 4.71
N CYS A 190 -4.23 12.06 5.02
CA CYS A 190 -3.19 11.24 5.65
C CYS A 190 -1.97 11.10 4.73
N SER A 191 -2.23 10.89 3.43
CA SER A 191 -1.15 10.82 2.45
C SER A 191 -0.36 12.11 2.36
N ARG A 192 -1.05 13.26 2.35
CA ARG A 192 -0.35 14.53 2.25
C ARG A 192 0.39 14.85 3.55
N HIS A 193 -0.15 14.44 4.69
CA HIS A 193 0.53 14.64 5.96
C HIS A 193 1.83 13.85 6.02
N ALA A 194 1.78 12.58 5.62
CA ALA A 194 2.99 11.76 5.54
C ALA A 194 3.99 12.34 4.56
N GLY A 195 3.52 13.04 3.52
CA GLY A 195 4.41 13.69 2.62
C GLY A 195 4.91 15.03 3.07
N ASN A 196 4.55 15.47 4.27
CA ASN A 196 4.94 16.78 4.78
C ASN A 196 6.24 16.74 5.58
N MET A 197 7.00 15.65 5.50
CA MET A 197 8.24 15.49 6.25
C MET A 197 9.37 15.27 5.24
N ILE A 198 10.24 16.26 5.09
CA ILE A 198 11.37 16.18 4.17
C ILE A 198 12.61 15.77 4.97
N PRO A 199 13.23 14.63 4.67
CA PRO A 199 14.51 14.32 5.34
C PRO A 199 15.54 15.41 5.05
N ASP A 200 16.33 15.77 6.06
CA ASP A 200 17.21 16.93 5.91
C ASP A 200 18.32 16.71 4.88
N ASN A 201 18.62 15.47 4.52
CA ASN A 201 19.56 15.21 3.44
C ASN A 201 18.94 15.37 2.06
N ASP A 202 17.62 15.58 1.98
CA ASP A 202 16.89 15.54 0.71
C ASP A 202 16.68 16.97 0.23
N LYS A 203 17.75 17.54 -0.33
CA LYS A 203 17.71 18.97 -0.66
C LYS A 203 16.74 19.27 -1.79
N ASN A 204 16.47 18.30 -2.66
CA ASN A 204 15.49 18.49 -3.73
C ASN A 204 14.08 18.08 -3.32
N SER A 205 13.89 17.71 -2.05
CA SER A 205 12.58 17.37 -1.50
C SER A 205 11.84 16.36 -2.35
N ASN A 206 12.52 15.25 -2.67
CA ASN A 206 11.86 14.21 -3.47
C ASN A 206 11.20 13.12 -2.65
N TYR A 207 11.70 12.85 -1.44
CA TYR A 207 11.33 11.65 -0.72
C TYR A 207 10.08 11.92 0.11
N LYS A 208 9.04 11.11 -0.11
CA LYS A 208 7.77 11.24 0.60
C LYS A 208 7.37 9.90 1.18
N TYR A 209 7.26 9.83 2.51
CA TYR A 209 6.96 8.59 3.19
C TYR A 209 5.52 8.13 2.91
N PRO A 210 5.28 6.83 2.84
CA PRO A 210 3.92 6.30 2.76
C PRO A 210 3.28 6.30 4.14
N ALA A 211 2.03 5.81 4.18
CA ALA A 211 1.23 5.93 5.40
C ALA A 211 0.16 4.85 5.41
N VAL A 212 -0.32 4.55 6.59
CA VAL A 212 -1.51 3.72 6.80
C VAL A 212 -2.51 4.50 7.62
N TYR A 213 -3.75 4.50 7.14
CA TYR A 213 -4.88 5.09 7.85
C TYR A 213 -5.75 3.99 8.45
N ASP A 214 -6.02 4.09 9.75
CA ASP A 214 -6.86 3.14 10.46
C ASP A 214 -8.22 3.78 10.66
N ASP A 215 -9.23 3.30 9.91
CA ASP A 215 -10.56 3.88 10.00
C ASP A 215 -11.26 3.56 11.31
N LYS A 216 -10.77 2.60 12.09
CA LYS A 216 -11.44 2.30 13.36
C LYS A 216 -11.15 3.40 14.38
N ASP A 217 -9.88 3.73 14.56
CA ASP A 217 -9.46 4.79 15.48
C ASP A 217 -9.36 6.15 14.80
N LYS A 218 -9.60 6.21 13.49
CA LYS A 218 -9.43 7.42 12.70
C LYS A 218 -8.04 8.02 12.90
N LYS A 219 -7.01 7.17 12.74
CA LYS A 219 -5.64 7.58 12.98
C LYS A 219 -4.79 7.38 11.74
N CYS A 220 -3.96 8.37 11.44
CA CYS A 220 -2.96 8.32 10.37
C CYS A 220 -1.62 7.91 10.99
N HIS A 221 -1.01 6.88 10.43
CA HIS A 221 0.30 6.38 10.84
C HIS A 221 1.26 6.62 9.68
N ILE A 222 2.21 7.53 9.88
CA ILE A 222 3.26 7.68 8.88
C ILE A 222 4.21 6.50 9.00
N LEU A 223 4.58 5.90 7.86
CA LEU A 223 5.48 4.75 7.87
C LEU A 223 6.91 5.21 7.63
N TYR A 224 7.80 4.89 8.57
CA TYR A 224 9.21 5.20 8.40
C TYR A 224 9.88 4.23 7.44
N ILE A 225 9.46 2.96 7.47
CA ILE A 225 9.98 1.93 6.57
C ILE A 225 9.02 1.83 5.40
N ALA A 226 9.55 1.99 4.19
CA ALA A 226 8.75 1.91 2.97
C ALA A 226 8.80 0.54 2.31
N ALA A 227 9.72 -0.32 2.72
CA ALA A 227 9.73 -1.70 2.28
C ALA A 227 8.45 -2.39 2.73
N GLN A 228 8.05 -3.39 1.95
CA GLN A 228 6.83 -4.14 2.22
C GLN A 228 7.04 -5.64 2.23
N GLU A 229 8.16 -6.14 1.71
CA GLU A 229 8.42 -7.57 1.70
C GLU A 229 9.90 -7.81 1.82
N ASN A 230 10.27 -8.74 2.69
CA ASN A 230 11.66 -9.18 2.85
C ASN A 230 11.57 -10.63 3.34
N ASN A 231 11.75 -11.57 2.43
CA ASN A 231 11.51 -12.98 2.74
C ASN A 231 12.67 -13.89 2.37
N GLY A 232 13.75 -13.36 1.82
CA GLY A 232 14.87 -14.17 1.43
C GLY A 232 15.67 -14.61 2.63
N PRO A 233 15.96 -15.91 2.74
CA PRO A 233 16.75 -16.40 3.89
C PRO A 233 18.12 -15.76 3.99
N ARG A 234 18.67 -15.25 2.90
CA ARG A 234 19.98 -14.62 2.94
C ARG A 234 19.91 -13.16 3.39
N TYR A 235 18.72 -12.59 3.51
CA TYR A 235 18.56 -11.16 3.77
C TYR A 235 17.72 -10.86 5.01
N CYS A 236 17.18 -11.87 5.66
CA CYS A 236 16.43 -11.65 6.89
C CYS A 236 16.62 -12.86 7.79
N ASN A 237 16.31 -12.67 9.07
CA ASN A 237 16.50 -13.69 10.09
C ASN A 237 15.25 -13.77 10.96
N LYS A 238 14.67 -14.95 11.08
CA LYS A 238 13.45 -15.16 11.85
C LYS A 238 13.71 -15.60 13.28
N ASP A 239 14.98 -15.66 13.70
CA ASP A 239 15.31 -16.12 15.05
C ASP A 239 15.15 -14.97 16.03
N GLU A 240 14.34 -15.20 17.09
CA GLU A 240 14.04 -14.14 18.05
C GLU A 240 15.19 -13.85 19.00
N SER A 241 16.21 -14.72 19.07
CA SER A 241 17.34 -14.43 19.95
C SER A 241 18.32 -13.44 19.34
N LYS A 242 18.24 -13.23 18.02
CA LYS A 242 19.11 -12.29 17.31
C LYS A 242 18.28 -11.04 17.06
N ARG A 243 18.13 -10.24 18.11
CA ARG A 243 17.12 -9.18 18.07
C ARG A 243 17.58 -7.95 17.31
N ASN A 244 18.84 -7.88 16.89
CA ASN A 244 19.29 -6.80 16.01
C ASN A 244 19.50 -7.24 14.58
N SER A 245 19.09 -8.45 14.22
CA SER A 245 19.11 -8.87 12.84
C SER A 245 17.86 -8.41 12.11
N MET A 246 18.00 -8.19 10.81
CA MET A 246 16.87 -7.77 10.00
C MET A 246 15.78 -8.85 10.00
N PHE A 247 14.54 -8.44 10.26
CA PHE A 247 13.45 -9.39 10.35
C PHE A 247 12.85 -9.65 8.96
N CYS A 248 12.13 -10.77 8.84
CA CYS A 248 11.41 -11.12 7.63
C CYS A 248 9.98 -10.59 7.72
N PHE A 249 9.42 -10.22 6.58
CA PHE A 249 8.06 -9.69 6.58
C PHE A 249 7.46 -9.76 5.18
N ARG A 250 6.13 -9.67 5.12
CA ARG A 250 5.41 -9.80 3.86
C ARG A 250 4.12 -9.01 3.93
N PRO A 251 3.63 -8.50 2.81
CA PRO A 251 2.31 -7.84 2.81
C PRO A 251 1.18 -8.85 2.80
N ALA A 252 0.06 -8.47 3.38
CA ALA A 252 -1.07 -9.40 3.45
C ALA A 252 -2.34 -8.62 3.73
N LYS A 253 -3.47 -9.25 3.41
CA LYS A 253 -4.79 -8.78 3.87
C LYS A 253 -5.27 -9.75 4.95
N ASP A 254 -4.77 -9.55 6.16
CA ASP A 254 -5.24 -10.27 7.34
C ASP A 254 -6.58 -9.68 7.80
N ILE A 255 -7.39 -10.52 8.43
CA ILE A 255 -8.65 -10.03 8.97
C ILE A 255 -8.39 -8.85 9.93
N SER A 256 -7.27 -8.87 10.66
CA SER A 256 -7.03 -7.78 11.59
C SER A 256 -6.71 -6.46 10.89
N PHE A 257 -6.47 -6.48 9.56
CA PHE A 257 -6.15 -5.28 8.80
C PHE A 257 -7.36 -4.69 8.09
N GLN A 258 -8.57 -5.18 8.35
CA GLN A 258 -9.68 -4.87 7.47
C GLN A 258 -10.06 -3.40 7.47
N ASN A 259 -9.72 -2.66 8.53
CA ASN A 259 -10.03 -1.24 8.57
C ASN A 259 -8.87 -0.36 8.13
N TYR A 260 -7.76 -0.94 7.69
CA TYR A 260 -6.62 -0.15 7.25
C TYR A 260 -6.71 0.19 5.78
N ALA A 261 -6.03 1.28 5.41
CA ALA A 261 -5.76 1.62 4.02
C ALA A 261 -4.30 2.00 3.89
N TYR A 262 -3.59 1.28 3.01
CA TYR A 262 -2.18 1.55 2.69
C TYR A 262 -2.11 2.62 1.63
N LEU A 263 -1.35 3.70 1.91
CA LEU A 263 -1.43 4.91 1.09
C LEU A 263 -0.03 5.35 0.67
N SER A 264 0.18 5.46 -0.64
CA SER A 264 1.38 6.06 -1.14
C SER A 264 1.28 7.59 -1.13
N LYS A 265 2.41 8.24 -1.47
CA LYS A 265 2.46 9.68 -1.60
C LYS A 265 1.58 10.22 -2.71
N ASN A 266 1.11 9.38 -3.64
CA ASN A 266 0.40 9.85 -4.81
C ASN A 266 -1.11 9.64 -4.75
N VAL A 267 -1.64 9.23 -3.60
CA VAL A 267 -3.08 8.97 -3.53
C VAL A 267 -3.83 10.22 -3.99
N VAL A 268 -4.77 10.03 -4.92
CA VAL A 268 -5.44 11.18 -5.54
C VAL A 268 -6.61 11.65 -4.68
N ASP A 269 -6.91 12.95 -4.76
CA ASP A 269 -7.94 13.50 -3.89
C ASP A 269 -9.35 13.07 -4.27
N ASN A 270 -9.56 12.57 -5.49
CA ASN A 270 -10.87 12.07 -5.88
C ASN A 270 -10.91 10.55 -5.98
N TRP A 271 -10.14 9.85 -5.12
CA TRP A 271 -10.09 8.40 -5.19
C TRP A 271 -11.48 7.79 -5.02
N GLU A 272 -12.36 8.44 -4.26
CA GLU A 272 -13.67 7.87 -4.01
C GLU A 272 -14.44 7.66 -5.31
N LYS A 273 -14.20 8.50 -6.31
CA LYS A 273 -14.93 8.38 -7.57
C LYS A 273 -14.16 7.63 -8.65
N VAL A 274 -12.82 7.55 -8.56
CA VAL A 274 -12.05 6.97 -9.65
C VAL A 274 -11.38 5.67 -9.26
N CYS A 275 -11.37 5.30 -7.99
CA CYS A 275 -10.69 4.08 -7.53
C CYS A 275 -11.70 3.06 -7.02
N PRO A 276 -11.38 1.77 -7.06
CA PRO A 276 -12.29 0.77 -6.51
C PRO A 276 -12.26 0.77 -4.99
N ARG A 277 -13.43 0.51 -4.40
CA ARG A 277 -13.46 0.26 -2.97
C ARG A 277 -14.46 -0.87 -2.68
N LYS A 278 -15.73 -0.63 -2.96
CA LYS A 278 -16.75 -1.64 -2.70
C LYS A 278 -16.76 -2.73 -3.77
N ASN A 279 -17.08 -3.94 -3.35
CA ASN A 279 -17.26 -5.05 -4.27
C ASN A 279 -18.69 -5.05 -4.82
N LEU A 280 -18.83 -5.56 -6.04
CA LEU A 280 -20.07 -5.42 -6.77
C LEU A 280 -20.88 -6.71 -6.66
N GLN A 281 -21.98 -6.65 -5.92
CA GLN A 281 -22.84 -7.83 -5.74
C GLN A 281 -23.67 -8.12 -6.99
N ASN A 282 -23.87 -9.40 -7.28
CA ASN A 282 -24.70 -9.85 -8.39
C ASN A 282 -24.12 -9.45 -9.74
N ALA A 283 -22.80 -9.41 -9.81
CA ALA A 283 -22.09 -8.90 -10.97
C ALA A 283 -20.84 -9.72 -11.19
N LYS A 284 -20.55 -9.98 -12.45
CA LYS A 284 -19.37 -10.70 -12.91
C LYS A 284 -18.64 -9.81 -13.90
N PHE A 285 -17.34 -9.66 -13.74
CA PHE A 285 -16.55 -8.98 -14.76
C PHE A 285 -16.64 -9.74 -16.07
N GLY A 286 -16.71 -8.98 -17.17
CA GLY A 286 -16.64 -9.54 -18.51
C GLY A 286 -15.83 -8.69 -19.47
N LEU A 287 -15.81 -9.05 -20.76
CA LEU A 287 -15.12 -8.33 -21.81
C LEU A 287 -16.10 -7.98 -22.92
N TRP A 288 -16.18 -6.69 -23.24
CA TRP A 288 -17.14 -6.21 -24.22
C TRP A 288 -16.63 -6.50 -25.62
N VAL A 289 -17.43 -7.19 -26.40
CA VAL A 289 -17.04 -7.63 -27.74
C VAL A 289 -18.25 -7.59 -28.66
N ASP A 290 -18.20 -6.75 -29.68
CA ASP A 290 -19.24 -6.68 -30.70
C ASP A 290 -20.62 -6.50 -30.06
N GLY A 291 -20.72 -5.47 -29.21
CA GLY A 291 -22.00 -5.10 -28.64
C GLY A 291 -22.56 -6.07 -27.62
N ASN A 292 -21.72 -6.87 -26.99
CA ASN A 292 -22.20 -7.83 -26.00
C ASN A 292 -21.11 -8.09 -24.98
N CYS A 293 -21.51 -8.32 -23.72
CA CYS A 293 -20.57 -8.57 -22.64
C CYS A 293 -20.34 -10.07 -22.55
N GLU A 294 -19.12 -10.51 -22.87
CA GLU A 294 -18.77 -11.92 -22.90
C GLU A 294 -17.95 -12.30 -21.67
N ASP A 295 -17.97 -13.59 -21.34
CA ASP A 295 -17.24 -14.04 -20.17
C ASP A 295 -15.74 -13.91 -20.38
N ILE A 296 -15.00 -13.69 -19.30
CA ILE A 296 -13.54 -13.79 -19.35
C ILE A 296 -13.20 -15.18 -19.87
N PRO A 297 -12.47 -15.33 -20.98
CA PRO A 297 -12.37 -16.66 -21.62
C PRO A 297 -11.37 -17.61 -20.97
N HIS A 298 -10.52 -17.12 -20.09
CA HIS A 298 -9.57 -17.96 -19.36
C HIS A 298 -9.33 -17.34 -17.98
N VAL A 299 -9.64 -18.10 -16.93
CA VAL A 299 -9.42 -17.68 -15.56
C VAL A 299 -8.65 -18.76 -14.82
N ASN A 300 -8.10 -18.38 -13.68
CA ASN A 300 -7.34 -19.25 -12.78
C ASN A 300 -8.18 -19.41 -11.52
N GLU A 301 -8.64 -20.63 -11.27
CA GLU A 301 -9.65 -20.89 -10.24
C GLU A 301 -8.98 -21.32 -8.93
N PHE A 302 -9.33 -20.64 -7.85
CA PHE A 302 -8.87 -20.92 -6.50
C PHE A 302 -10.09 -21.06 -5.61
N PRO A 303 -10.14 -22.07 -4.75
CA PRO A 303 -11.30 -22.19 -3.84
C PRO A 303 -11.21 -21.16 -2.72
N ALA A 304 -12.36 -20.64 -2.30
CA ALA A 304 -12.40 -19.63 -1.27
C ALA A 304 -13.74 -19.71 -0.57
N ILE A 305 -13.71 -19.73 0.77
CA ILE A 305 -14.94 -20.00 1.53
C ILE A 305 -15.87 -18.80 1.55
N ASP A 306 -15.35 -17.61 1.33
CA ASP A 306 -16.16 -16.40 1.33
C ASP A 306 -15.39 -15.31 0.61
N LEU A 307 -16.06 -14.16 0.45
CA LEU A 307 -15.49 -13.08 -0.35
C LEU A 307 -14.17 -12.59 0.22
N PHE A 308 -14.07 -12.43 1.54
CA PHE A 308 -12.82 -12.00 2.15
C PHE A 308 -11.65 -12.88 1.71
N GLU A 309 -11.84 -14.19 1.74
CA GLU A 309 -10.76 -15.10 1.35
C GLU A 309 -10.47 -15.01 -0.14
N CYS A 310 -11.46 -14.67 -0.96
CA CYS A 310 -11.17 -14.46 -2.37
C CYS A 310 -10.37 -13.17 -2.56
N ASN A 311 -10.78 -12.09 -1.89
CA ASN A 311 -10.04 -10.85 -2.02
C ASN A 311 -8.60 -11.00 -1.56
N LYS A 312 -8.39 -11.77 -0.48
CA LYS A 312 -7.04 -11.99 0.01
C LYS A 312 -6.17 -12.71 -1.03
N LEU A 313 -6.75 -13.69 -1.74
CA LEU A 313 -6.00 -14.40 -2.78
C LEU A 313 -5.73 -13.51 -3.98
N VAL A 314 -6.71 -12.72 -4.40
CA VAL A 314 -6.47 -11.80 -5.49
C VAL A 314 -5.32 -10.87 -5.12
N PHE A 315 -5.32 -10.35 -3.89
CA PHE A 315 -4.22 -9.48 -3.48
C PHE A 315 -2.89 -10.22 -3.52
N GLU A 316 -2.85 -11.44 -3.01
CA GLU A 316 -1.60 -12.18 -3.00
C GLU A 316 -1.04 -12.35 -4.41
N LEU A 317 -1.89 -12.43 -5.42
CA LEU A 317 -1.45 -12.64 -6.79
C LEU A 317 -1.32 -11.34 -7.57
N SER A 318 -1.56 -10.19 -6.95
CA SER A 318 -1.71 -8.96 -7.71
C SER A 318 -0.36 -8.37 -8.11
N ALA A 319 -0.43 -7.28 -8.88
CA ALA A 319 0.76 -6.59 -9.37
C ALA A 319 1.75 -6.35 -8.24
N SER A 320 3.02 -6.70 -8.48
CA SER A 320 4.05 -6.53 -7.46
C SER A 320 5.30 -5.90 -8.05
N ASP A 321 5.84 -4.89 -7.35
CA ASP A 321 7.09 -4.24 -7.75
C ASP A 321 8.30 -4.82 -7.02
N GLN A 322 8.13 -5.95 -6.34
CA GLN A 322 9.20 -6.60 -5.60
C GLN A 322 10.14 -7.31 -6.57
N PRO A 323 11.45 -7.14 -6.43
CA PRO A 323 12.38 -7.97 -7.21
C PRO A 323 12.13 -9.44 -6.91
N LYS A 324 12.15 -10.27 -7.95
CA LYS A 324 12.08 -11.70 -7.71
C LYS A 324 13.33 -12.17 -6.97
N GLN A 325 13.21 -13.30 -6.28
CA GLN A 325 14.30 -13.74 -5.42
C GLN A 325 15.60 -13.88 -6.20
N TYR A 326 15.54 -14.41 -7.43
CA TYR A 326 16.76 -14.55 -8.23
C TYR A 326 17.33 -13.19 -8.58
N GLU A 327 16.48 -12.15 -8.67
CA GLU A 327 16.96 -10.81 -8.97
C GLU A 327 17.61 -10.15 -7.76
N GLN A 328 17.16 -10.49 -6.55
CA GLN A 328 17.81 -9.97 -5.35
C GLN A 328 19.21 -10.56 -5.16
N HIS A 329 19.47 -11.76 -5.70
CA HIS A 329 20.81 -12.31 -5.61
C HIS A 329 21.78 -11.65 -6.59
N LEU A 330 21.27 -11.15 -7.72
CA LEU A 330 22.11 -10.58 -8.75
C LEU A 330 22.45 -9.12 -8.53
N THR A 331 21.80 -8.45 -7.58
CA THR A 331 22.03 -7.05 -7.31
C THR A 331 23.04 -6.87 -6.18
N THR A 332 23.77 -5.76 -6.22
CA THR A 332 24.70 -5.40 -5.17
C THR A 332 24.06 -4.51 -4.10
N GLN A 333 22.78 -4.16 -4.26
CA GLN A 333 22.06 -3.30 -3.33
C GLN A 333 20.69 -3.90 -3.05
N GLN A 334 20.70 -5.11 -2.46
CA GLN A 334 19.45 -5.80 -2.20
C GLN A 334 18.53 -4.98 -1.31
N ALA A 335 19.07 -4.36 -0.27
CA ALA A 335 18.22 -3.59 0.63
C ALA A 335 17.57 -2.42 -0.09
N LYS A 336 18.32 -1.69 -0.91
CA LYS A 336 17.71 -0.59 -1.63
C LYS A 336 16.65 -1.11 -2.59
N ASP A 337 16.91 -2.25 -3.24
CA ASP A 337 15.97 -2.77 -4.24
C ASP A 337 14.66 -3.26 -3.64
N ILE A 338 14.56 -3.48 -2.32
CA ILE A 338 13.28 -3.81 -1.70
C ILE A 338 12.68 -2.63 -0.95
N GLY A 339 13.29 -1.46 -1.04
CA GLY A 339 12.71 -0.25 -0.50
C GLY A 339 13.39 0.32 0.73
N ALA A 340 14.58 -0.15 1.09
CA ALA A 340 15.32 0.50 2.17
C ALA A 340 15.47 1.98 1.88
N GLY A 341 15.24 2.81 2.91
CA GLY A 341 15.23 4.25 2.74
C GLY A 341 16.40 4.96 3.39
N PRO A 342 16.44 6.29 3.29
CA PRO A 342 17.59 7.04 3.78
C PRO A 342 17.57 7.18 5.30
N VAL A 343 18.74 7.43 5.85
CA VAL A 343 18.87 7.65 7.30
C VAL A 343 18.50 9.09 7.59
N ALA A 344 17.46 9.29 8.40
CA ALA A 344 16.98 10.63 8.68
C ALA A 344 16.53 10.74 10.13
N SER A 345 17.11 11.71 10.85
CA SER A 345 16.70 12.01 12.21
C SER A 345 16.01 13.37 12.37
N CYS A 346 16.24 14.30 11.45
CA CYS A 346 15.56 15.59 11.48
C CYS A 346 14.96 15.87 10.12
N PHE A 347 13.84 16.59 10.13
CA PHE A 347 13.02 16.80 8.94
C PHE A 347 12.62 18.26 8.89
N THR A 348 12.20 18.71 7.71
CA THR A 348 11.57 20.01 7.55
C THR A 348 10.24 19.80 6.85
N THR A 349 9.29 20.70 7.09
CA THR A 349 7.96 20.55 6.50
C THR A 349 7.92 21.14 5.10
N ARG A 350 7.09 20.53 4.24
CA ARG A 350 6.88 21.04 2.90
C ARG A 350 5.88 22.19 2.87
N MET A 351 4.84 22.13 3.69
CA MET A 351 3.76 23.10 3.64
C MET A 351 3.93 24.16 4.73
N SER A 352 3.39 25.34 4.47
CA SER A 352 3.56 26.45 5.38
C SER A 352 2.86 26.15 6.71
N PRO A 353 3.43 26.60 7.84
CA PRO A 353 4.70 27.33 7.99
C PRO A 353 5.90 26.40 7.96
N PRO A 354 7.05 26.83 7.43
CA PRO A 354 8.24 25.96 7.44
C PRO A 354 8.74 25.78 8.87
N GLN A 355 8.86 24.53 9.31
CA GLN A 355 9.40 24.24 10.63
C GLN A 355 10.28 23.00 10.55
N GLN A 356 11.18 22.87 11.53
CA GLN A 356 12.04 21.71 11.64
C GLN A 356 11.48 20.76 12.70
N ILE A 357 11.43 19.48 12.37
CA ILE A 357 10.92 18.46 13.29
C ILE A 357 11.98 17.38 13.40
N CYS A 358 12.38 17.04 14.63
CA CYS A 358 13.38 15.99 14.86
C CYS A 358 12.76 14.82 15.62
N LEU A 359 13.30 13.64 15.38
CA LEU A 359 12.92 12.49 16.19
C LEU A 359 13.36 12.71 17.64
N ASN A 360 12.57 12.18 18.58
CA ASN A 360 12.97 12.23 19.97
C ASN A 360 14.21 11.37 20.21
N SER A 361 14.36 10.29 19.45
CA SER A 361 15.53 9.41 19.56
C SER A 361 15.81 8.84 18.17
N VAL A 362 17.08 8.50 17.93
CA VAL A 362 17.48 8.05 16.61
C VAL A 362 17.06 6.59 16.41
N VAL A 363 16.77 6.25 15.16
CA VAL A 363 16.42 4.88 14.80
C VAL A 363 17.61 3.95 15.01
N ASN A 364 17.30 2.73 15.44
CA ASN A 364 18.32 1.70 15.60
C ASN A 364 19.23 1.64 14.38
N THR A 365 20.53 1.69 14.62
CA THR A 365 21.49 1.70 13.52
C THR A 365 21.36 0.47 12.64
N ALA A 366 20.94 -0.67 13.21
CA ALA A 366 20.86 -1.91 12.44
C ALA A 366 20.03 -1.74 11.18
N LEU A 367 19.12 -0.79 11.16
CA LEU A 367 18.35 -0.51 9.95
C LEU A 367 19.24 0.11 8.88
#